data_1QTN
#
_entry.id   1QTN
#
_cell.length_a   62.400
_cell.length_b   62.400
_cell.length_c   129.250
_cell.angle_alpha   90.00
_cell.angle_beta   90.00
_cell.angle_gamma   120.00
#
_symmetry.space_group_name_H-M   'P 31 2 1'
#
loop_
_entity.id
_entity.type
_entity.pdbx_description
1 polymer CASPASE-8
2 polymer CASPASE-8
3 polymer ACETYL-ILE-GLU-THR-ASP-ALDEHYDE
4 non-polymer 'DITHIANE DIOL'
5 water water
#
loop_
_entity_poly.entity_id
_entity_poly.type
_entity_poly.pdbx_seq_one_letter_code
_entity_poly.pdbx_strand_id
1 'polypeptide(L)'
;SPREQDSESQTLDKVYQMKSKPRGYCLIINNHNFAKAREKVPKLHSIRDRNGTHLDAGALTTTFEELHFEIKPHDDCTVE
QIYEILKIYQLMDHSNMDCFICCILSHGDKGIIYGTDGQEAPIYELTSQFTGLKCPSLAGKPKVFFIQACQGDNYQKGIP
VETD
;
A
2 'polypeptide(L)'
;LSSPQTRYIPDEADFLLGMATVNNCVSYRNPAEGTWYIQSLCQSLRERCPRGDDILTILTEVNYEVSNKDDKKNMGKQMP
QPTFTLRKKLVFPSD
;
B
3 'polypeptide(L)' (ACE)IET(ASJ) C
#
# COMPACT_ATOMS: atom_id res chain seq x y z
N ASP A 13 21.84 -14.15 7.61
CA ASP A 13 20.91 -13.60 6.61
C ASP A 13 21.38 -12.18 6.22
N LYS A 14 21.40 -11.89 4.93
CA LYS A 14 21.64 -10.54 4.47
C LYS A 14 20.41 -9.67 4.76
N VAL A 15 20.64 -8.44 5.13
CA VAL A 15 19.62 -7.48 5.49
C VAL A 15 19.85 -6.18 4.77
N TYR A 16 18.83 -5.54 4.20
CA TYR A 16 19.01 -4.24 3.59
C TYR A 16 19.51 -3.23 4.63
N GLN A 17 20.44 -2.39 4.16
CA GLN A 17 20.88 -1.25 4.96
C GLN A 17 19.70 -0.36 5.30
N MET A 18 19.57 0.03 6.56
CA MET A 18 18.42 0.85 6.98
C MET A 18 18.84 1.72 8.18
N LYS A 19 19.73 2.64 7.86
CA LYS A 19 20.38 3.47 8.90
C LYS A 19 20.18 4.95 8.65
N SER A 20 19.80 5.37 7.44
CA SER A 20 19.68 6.78 7.14
C SER A 20 18.57 7.44 7.96
N LYS A 21 18.69 8.73 8.20
CA LYS A 21 17.72 9.51 8.95
C LYS A 21 17.44 10.80 8.23
N PRO A 22 16.38 10.91 7.48
CA PRO A 22 15.28 9.95 7.40
C PRO A 22 15.61 8.72 6.58
N ARG A 23 14.85 7.65 6.80
CA ARG A 23 15.04 6.41 6.02
C ARG A 23 14.79 6.66 4.55
N GLY A 24 13.83 7.52 4.25
CA GLY A 24 13.39 7.76 2.90
C GLY A 24 12.04 8.50 2.93
N TYR A 25 11.48 8.71 1.78
CA TYR A 25 10.15 9.29 1.63
C TYR A 25 9.09 8.18 1.78
N CYS A 26 7.99 8.54 2.41
CA CYS A 26 6.80 7.69 2.45
C CYS A 26 5.65 8.49 1.84
N LEU A 27 5.32 8.28 0.59
CA LEU A 27 4.21 8.95 -0.07
C LEU A 27 2.89 8.35 0.38
N ILE A 28 1.89 9.24 0.60
CA ILE A 28 0.54 8.71 0.86
C ILE A 28 -0.43 9.38 -0.10
N ILE A 29 -1.00 8.64 -1.00
CA ILE A 29 -2.04 9.14 -1.91
C ILE A 29 -3.39 8.72 -1.34
N ASN A 30 -4.12 9.72 -0.85
CA ASN A 30 -5.31 9.47 -0.05
C ASN A 30 -6.56 9.98 -0.76
N ASN A 31 -7.27 9.08 -1.44
CA ASN A 31 -8.39 9.41 -2.28
C ASN A 31 -9.72 9.24 -1.56
N HIS A 32 -10.43 10.34 -1.36
CA HIS A 32 -11.70 10.37 -0.70
C HIS A 32 -12.89 10.64 -1.62
N ASN A 33 -12.78 11.74 -2.38
CA ASN A 33 -13.92 12.32 -3.09
C ASN A 33 -13.99 11.84 -4.54
N PHE A 34 -14.97 11.04 -4.85
CA PHE A 34 -15.17 10.45 -6.15
C PHE A 34 -16.33 11.07 -6.92
N ALA A 35 -16.63 12.33 -6.60
CA ALA A 35 -17.68 13.02 -7.38
C ALA A 35 -17.30 13.09 -8.87
N LYS A 36 -16.06 13.35 -9.21
CA LYS A 36 -15.68 13.44 -10.64
C LYS A 36 -15.95 12.12 -11.35
N ALA A 37 -15.65 11.01 -10.67
CA ALA A 37 -15.93 9.69 -11.28
C ALA A 37 -17.41 9.49 -11.49
N ARG A 38 -18.21 9.82 -10.48
CA ARG A 38 -19.65 9.66 -10.60
C ARG A 38 -20.19 10.50 -11.75
N GLU A 39 -19.63 11.68 -11.97
CA GLU A 39 -20.04 12.55 -13.03
C GLU A 39 -19.58 12.18 -14.42
N LYS A 40 -18.38 11.62 -14.57
CA LYS A 40 -17.77 11.42 -15.87
C LYS A 40 -17.85 10.01 -16.41
N VAL A 41 -17.84 9.00 -15.54
CA VAL A 41 -17.71 7.62 -15.99
C VAL A 41 -18.98 6.85 -15.74
N PRO A 42 -19.74 6.61 -16.83
CA PRO A 42 -21.06 6.00 -16.68
C PRO A 42 -21.16 4.83 -15.79
N LYS A 43 -20.19 3.88 -15.85
CA LYS A 43 -20.35 2.70 -15.00
C LYS A 43 -20.11 3.01 -13.54
N LEU A 44 -19.50 4.16 -13.27
CA LEU A 44 -19.16 4.52 -11.90
C LEU A 44 -20.15 5.54 -11.35
N HIS A 45 -21.37 5.53 -11.92
CA HIS A 45 -22.39 6.43 -11.45
C HIS A 45 -22.63 6.38 -9.96
N SER A 46 -22.46 5.23 -9.33
CA SER A 46 -22.72 5.12 -7.90
C SER A 46 -21.51 4.81 -7.05
N ILE A 47 -20.31 4.98 -7.58
CA ILE A 47 -19.11 4.77 -6.76
C ILE A 47 -19.12 5.74 -5.59
N ARG A 48 -18.85 5.25 -4.38
CA ARG A 48 -18.99 6.05 -3.20
C ARG A 48 -17.72 6.76 -2.79
N ASP A 49 -17.89 7.87 -2.06
CA ASP A 49 -16.76 8.52 -1.44
C ASP A 49 -16.19 7.63 -0.34
N ARG A 50 -14.90 7.71 -0.08
CA ARG A 50 -14.24 6.77 0.81
C ARG A 50 -14.17 7.25 2.23
N ASN A 51 -15.35 7.45 2.83
CA ASN A 51 -15.43 7.98 4.18
C ASN A 51 -14.57 7.16 5.13
N GLY A 52 -13.78 7.89 5.95
CA GLY A 52 -12.90 7.25 6.88
C GLY A 52 -11.47 7.12 6.43
N THR A 53 -11.19 7.33 5.15
CA THR A 53 -9.84 7.13 4.64
C THR A 53 -8.80 7.96 5.33
N HIS A 54 -9.16 9.13 5.88
CA HIS A 54 -8.17 9.93 6.59
C HIS A 54 -7.68 9.21 7.82
N LEU A 55 -8.43 8.28 8.40
CA LEU A 55 -7.96 7.54 9.56
C LEU A 55 -6.79 6.63 9.20
N ASP A 56 -6.81 6.15 7.95
CA ASP A 56 -5.67 5.32 7.45
C ASP A 56 -4.48 6.23 7.15
N ALA A 57 -4.71 7.36 6.52
CA ALA A 57 -3.59 8.28 6.23
C ALA A 57 -2.92 8.65 7.53
N GLY A 58 -3.71 8.94 8.56
CA GLY A 58 -3.14 9.32 9.84
C GLY A 58 -2.38 8.19 10.48
N ALA A 59 -2.94 6.98 10.45
CA ALA A 59 -2.25 5.84 11.03
C ALA A 59 -0.92 5.59 10.33
N LEU A 60 -0.92 5.70 9.00
CA LEU A 60 0.35 5.48 8.26
C LEU A 60 1.34 6.58 8.59
N THR A 61 0.86 7.79 8.74
CA THR A 61 1.76 8.90 9.11
C THR A 61 2.39 8.64 10.45
N THR A 62 1.61 8.33 11.47
CA THR A 62 2.11 8.05 12.79
C THR A 62 3.16 6.94 12.75
N THR A 63 2.78 5.86 12.08
CA THR A 63 3.59 4.64 12.03
C THR A 63 4.92 4.87 11.36
N PHE A 64 4.87 5.47 10.18
CA PHE A 64 6.09 5.66 9.41
C PHE A 64 6.93 6.82 9.86
N GLU A 65 6.34 7.81 10.55
CA GLU A 65 7.19 8.85 11.17
C GLU A 65 7.93 8.25 12.36
N GLU A 66 7.32 7.41 13.13
CA GLU A 66 7.93 6.69 14.23
C GLU A 66 9.09 5.84 13.73
N LEU A 67 8.98 5.35 12.50
CA LEU A 67 10.02 4.56 11.86
C LEU A 67 11.02 5.38 11.09
N HIS A 68 10.97 6.70 11.19
CA HIS A 68 11.97 7.58 10.67
C HIS A 68 11.84 7.91 9.21
N PHE A 69 10.66 7.77 8.62
CA PHE A 69 10.39 8.18 7.29
C PHE A 69 9.89 9.63 7.22
N GLU A 70 10.10 10.29 6.12
CA GLU A 70 9.58 11.62 5.81
C GLU A 70 8.30 11.47 5.02
N ILE A 71 7.18 11.83 5.61
CA ILE A 71 5.88 11.61 5.03
C ILE A 71 5.46 12.68 4.07
N LYS A 72 4.93 12.34 2.92
CA LYS A 72 4.53 13.23 1.84
C LYS A 72 3.10 12.87 1.41
N PRO A 73 2.13 13.52 2.06
CA PRO A 73 0.73 13.25 1.77
C PRO A 73 0.17 14.03 0.61
N HIS A 74 -0.76 13.45 -0.13
CA HIS A 74 -1.47 14.07 -1.23
C HIS A 74 -2.91 13.55 -1.25
N ASP A 75 -3.87 14.44 -1.10
CA ASP A 75 -5.26 14.06 -1.00
C ASP A 75 -5.98 14.21 -2.33
N ASP A 76 -6.91 13.34 -2.65
CA ASP A 76 -7.86 13.50 -3.73
C ASP A 76 -7.23 13.71 -5.07
N CYS A 77 -6.56 12.66 -5.57
CA CYS A 77 -5.78 12.63 -6.74
C CYS A 77 -6.43 11.94 -7.93
N THR A 78 -6.50 12.61 -9.08
CA THR A 78 -6.90 11.96 -10.34
C THR A 78 -5.72 11.10 -10.82
N VAL A 79 -5.98 10.27 -11.82
CA VAL A 79 -4.88 9.46 -12.34
C VAL A 79 -3.74 10.27 -12.84
N GLU A 80 -4.01 11.33 -13.62
CA GLU A 80 -2.91 12.16 -14.12
C GLU A 80 -2.15 12.81 -12.98
N GLN A 81 -2.86 13.21 -11.94
CA GLN A 81 -2.18 13.79 -10.77
C GLN A 81 -1.29 12.77 -10.07
N ILE A 82 -1.75 11.54 -9.96
CA ILE A 82 -0.92 10.47 -9.41
C ILE A 82 0.34 10.24 -10.21
N TYR A 83 0.22 10.21 -11.53
CA TYR A 83 1.42 10.05 -12.35
C TYR A 83 2.37 11.20 -12.18
N GLU A 84 1.83 12.43 -12.05
CA GLU A 84 2.70 13.58 -11.86
C GLU A 84 3.50 13.46 -10.57
N ILE A 85 2.81 13.10 -9.48
CA ILE A 85 3.50 12.95 -8.18
C ILE A 85 4.57 11.90 -8.24
N LEU A 86 4.25 10.75 -8.85
CA LEU A 86 5.26 9.72 -8.97
C LEU A 86 6.46 10.17 -9.78
N LYS A 87 6.19 10.88 -10.88
CA LYS A 87 7.27 11.39 -11.73
C LYS A 87 8.21 12.29 -10.93
N ILE A 88 7.64 13.16 -10.10
CA ILE A 88 8.48 13.99 -9.22
C ILE A 88 9.41 13.21 -8.36
N TYR A 89 8.88 12.14 -7.73
CA TYR A 89 9.75 11.31 -6.93
C TYR A 89 10.66 10.41 -7.70
N GLN A 90 10.30 9.98 -8.88
CA GLN A 90 11.21 9.20 -9.73
C GLN A 90 12.45 10.02 -10.09
N LEU A 91 12.25 11.30 -10.30
CA LEU A 91 13.34 12.19 -10.75
C LEU A 91 14.15 12.72 -9.59
N MET A 92 13.69 12.57 -8.38
CA MET A 92 14.33 13.06 -7.18
C MET A 92 15.61 12.25 -6.88
N ASP A 93 16.48 12.90 -6.10
CA ASP A 93 17.71 12.26 -5.67
C ASP A 93 17.52 11.54 -4.36
N HIS A 94 17.52 10.21 -4.38
CA HIS A 94 17.32 9.41 -3.19
C HIS A 94 18.64 8.86 -2.67
N SER A 95 19.77 9.46 -3.14
CA SER A 95 21.07 8.92 -2.78
C SER A 95 21.32 8.83 -1.30
N ASN A 96 20.78 9.74 -0.51
CA ASN A 96 20.95 9.74 0.92
C ASN A 96 19.87 8.98 1.66
N MET A 97 18.98 8.31 0.93
CA MET A 97 17.93 7.50 1.53
C MET A 97 18.27 6.02 1.42
N ASP A 98 17.71 5.22 2.31
CA ASP A 98 17.89 3.79 2.30
C ASP A 98 16.65 3.05 1.78
N CYS A 99 15.53 3.73 1.62
CA CYS A 99 14.27 3.04 1.27
C CYS A 99 13.31 4.07 0.65
N PHE A 100 12.27 3.60 -0.01
CA PHE A 100 11.18 4.44 -0.51
C PHE A 100 9.85 3.65 -0.31
N ILE A 101 8.85 4.35 0.20
CA ILE A 101 7.52 3.75 0.40
C ILE A 101 6.48 4.61 -0.30
N CYS A 102 5.51 3.97 -0.92
CA CYS A 102 4.36 4.63 -1.53
C CYS A 102 3.08 3.89 -1.13
N CYS A 103 2.19 4.59 -0.48
CA CYS A 103 0.90 4.04 -0.05
C CYS A 103 -0.22 4.68 -0.87
N ILE A 104 -1.07 3.85 -1.44
CA ILE A 104 -2.21 4.31 -2.21
C ILE A 104 -3.50 3.86 -1.55
N LEU A 105 -4.33 4.80 -1.23
CA LEU A 105 -5.65 4.55 -0.60
C LEU A 105 -6.72 5.00 -1.58
N SER A 106 -7.43 4.06 -2.21
CA SER A 106 -8.37 4.43 -3.25
C SER A 106 -9.33 3.32 -3.56
N HIS A 107 -10.25 3.56 -4.49
CA HIS A 107 -11.00 2.52 -5.13
C HIS A 107 -10.12 1.82 -6.17
N GLY A 108 -10.50 0.61 -6.57
CA GLY A 108 -9.82 -0.10 -7.61
C GLY A 108 -10.67 -1.22 -8.18
N ASP A 109 -10.09 -1.91 -9.13
CA ASP A 109 -10.68 -3.05 -9.83
C ASP A 109 -9.52 -3.98 -10.20
N LYS A 110 -9.76 -5.05 -10.96
CA LYS A 110 -8.72 -6.03 -11.22
C LYS A 110 -7.46 -5.40 -11.79
N GLY A 111 -6.37 -5.48 -11.06
CA GLY A 111 -5.09 -4.99 -11.49
C GLY A 111 -4.91 -3.51 -11.51
N ILE A 112 -5.89 -2.74 -11.08
CA ILE A 112 -5.85 -1.29 -11.25
C ILE A 112 -6.25 -0.56 -9.95
N ILE A 113 -5.90 0.71 -9.90
CA ILE A 113 -6.51 1.63 -8.93
C ILE A 113 -7.18 2.76 -9.70
N TYR A 114 -8.20 3.35 -9.13
CA TYR A 114 -8.91 4.45 -9.75
C TYR A 114 -8.37 5.78 -9.19
N GLY A 115 -8.27 6.76 -10.08
CA GLY A 115 -8.16 8.14 -9.62
C GLY A 115 -9.52 8.63 -9.16
N THR A 116 -9.57 9.78 -8.51
CA THR A 116 -10.84 10.39 -8.11
C THR A 116 -11.72 10.69 -9.31
N ASP A 117 -11.16 10.79 -10.48
CA ASP A 117 -11.86 11.02 -11.74
C ASP A 117 -12.39 9.77 -12.36
N GLY A 118 -12.12 8.61 -11.77
CA GLY A 118 -12.62 7.36 -12.33
C GLY A 118 -11.80 6.83 -13.47
N GLN A 119 -10.70 7.45 -13.81
CA GLN A 119 -9.75 6.86 -14.77
C GLN A 119 -8.93 5.78 -14.06
N GLU A 120 -8.39 4.85 -14.81
CA GLU A 120 -7.69 3.70 -14.29
C GLU A 120 -6.18 3.89 -14.36
N ALA A 121 -5.47 3.41 -13.38
CA ALA A 121 -4.02 3.30 -13.35
C ALA A 121 -3.64 1.85 -13.05
N PRO A 122 -3.12 1.12 -14.05
CA PRO A 122 -2.64 -0.24 -13.73
C PRO A 122 -1.59 -0.13 -12.63
N ILE A 123 -1.63 -1.09 -11.71
CA ILE A 123 -0.66 -1.10 -10.64
C ILE A 123 0.76 -1.15 -11.12
N TYR A 124 0.99 -1.93 -12.19
CA TYR A 124 2.35 -2.01 -12.72
C TYR A 124 2.83 -0.69 -13.26
N GLU A 125 1.99 0.15 -13.81
CA GLU A 125 2.38 1.48 -14.27
C GLU A 125 2.80 2.36 -13.10
N LEU A 126 2.36 2.08 -11.90
CA LEU A 126 2.79 2.87 -10.73
C LEU A 126 4.13 2.37 -10.22
N THR A 127 4.25 1.05 -10.00
CA THR A 127 5.49 0.53 -9.44
C THR A 127 6.65 0.67 -10.41
N SER A 128 6.39 0.52 -11.69
CA SER A 128 7.42 0.53 -12.70
C SER A 128 8.12 1.86 -12.82
N GLN A 129 7.58 2.93 -12.23
CA GLN A 129 8.26 4.22 -12.25
C GLN A 129 9.47 4.24 -11.35
N PHE A 130 9.70 3.19 -10.55
CA PHE A 130 10.75 3.14 -9.60
C PHE A 130 11.75 2.01 -9.77
N THR A 131 11.74 1.44 -10.96
CA THR A 131 12.75 0.42 -11.29
C THR A 131 14.14 1.06 -11.19
N GLY A 132 15.14 0.19 -11.18
CA GLY A 132 16.50 0.72 -11.05
C GLY A 132 16.90 1.59 -12.22
N LEU A 133 16.42 1.33 -13.41
CA LEU A 133 16.76 2.19 -14.55
C LEU A 133 16.08 3.53 -14.44
N LYS A 134 14.83 3.54 -14.00
CA LYS A 134 14.04 4.80 -14.00
C LYS A 134 14.39 5.64 -12.80
N CYS A 135 14.85 5.04 -11.72
CA CYS A 135 15.25 5.73 -10.52
C CYS A 135 16.52 5.13 -9.95
N PRO A 136 17.66 5.51 -10.59
CA PRO A 136 18.93 4.92 -10.24
C PRO A 136 19.39 5.14 -8.83
N SER A 137 19.00 6.26 -8.20
CA SER A 137 19.37 6.52 -6.84
C SER A 137 18.64 5.64 -5.82
N LEU A 138 17.68 4.84 -6.23
CA LEU A 138 17.10 3.79 -5.40
C LEU A 138 17.57 2.41 -5.83
N ALA A 139 18.53 2.30 -6.76
CA ALA A 139 18.99 0.97 -7.17
C ALA A 139 19.59 0.22 -6.03
N GLY A 140 19.20 -1.04 -5.83
CA GLY A 140 19.65 -1.86 -4.74
C GLY A 140 18.96 -1.60 -3.41
N LYS A 141 18.04 -0.64 -3.39
CA LYS A 141 17.32 -0.26 -2.18
C LYS A 141 15.85 -0.72 -2.28
N PRO A 142 15.29 -1.08 -1.12
CA PRO A 142 13.90 -1.54 -1.11
C PRO A 142 12.93 -0.45 -1.46
N LYS A 143 11.96 -0.81 -2.28
CA LYS A 143 10.86 0.02 -2.71
C LYS A 143 9.58 -0.73 -2.34
N VAL A 144 8.81 -0.08 -1.48
CA VAL A 144 7.64 -0.72 -0.87
C VAL A 144 6.37 0.02 -1.26
N PHE A 145 5.41 -0.68 -1.81
CA PHE A 145 4.12 -0.14 -2.18
C PHE A 145 3.01 -0.86 -1.38
N PHE A 146 2.17 -0.09 -0.72
CA PHE A 146 0.99 -0.61 -0.03
C PHE A 146 -0.25 -0.10 -0.77
N ILE A 147 -1.08 -1.01 -1.24
CA ILE A 147 -2.28 -0.63 -2.00
C ILE A 147 -3.53 -1.08 -1.27
N GLN A 148 -4.24 -0.10 -0.76
CA GLN A 148 -5.51 -0.31 -0.09
C GLN A 148 -6.60 0.14 -1.09
N ALA A 149 -7.15 -0.83 -1.78
CA ALA A 149 -8.17 -0.64 -2.80
C ALA A 149 -8.91 -1.96 -3.01
N CYS A 150 -10.08 -1.93 -3.58
CA CYS A 150 -10.68 -3.17 -4.07
C CYS A 150 -9.92 -3.59 -5.36
N GLN A 151 -10.04 -4.87 -5.66
CA GLN A 151 -9.49 -5.46 -6.89
C GLN A 151 -10.60 -6.16 -7.68
N GLY A 152 -11.80 -5.71 -7.50
CA GLY A 152 -12.99 -6.27 -8.14
C GLY A 152 -14.18 -6.13 -7.20
N ASP A 153 -15.31 -6.69 -7.59
CA ASP A 153 -16.53 -6.47 -6.82
C ASP A 153 -17.03 -7.72 -6.13
N ASN A 154 -16.27 -8.80 -6.19
CA ASN A 154 -16.73 -10.03 -5.52
C ASN A 154 -16.41 -10.00 -4.03
N TYR A 155 -17.29 -10.61 -3.24
CA TYR A 155 -16.99 -10.85 -1.83
C TYR A 155 -16.22 -12.18 -1.75
N GLN A 156 -15.06 -12.15 -1.13
CA GLN A 156 -14.30 -13.36 -0.85
C GLN A 156 -15.09 -14.21 0.14
N LYS A 157 -15.27 -15.49 -0.19
CA LYS A 157 -16.01 -16.39 0.67
C LYS A 157 -15.17 -16.92 1.79
N GLY A 158 -15.82 -17.43 2.82
CA GLY A 158 -15.13 -18.04 3.95
C GLY A 158 -15.20 -19.56 3.92
N ILE A 159 -14.27 -20.18 4.60
CA ILE A 159 -14.14 -21.62 4.76
C ILE A 159 -13.93 -21.95 6.23
N PRO A 160 -14.58 -23.05 6.68
CA PRO A 160 -14.47 -23.40 8.10
C PRO A 160 -13.19 -24.14 8.41
N VAL A 161 -12.53 -23.76 9.51
CA VAL A 161 -11.33 -24.44 9.96
C VAL A 161 -11.33 -24.54 11.48
N GLU A 162 -10.49 -25.45 11.98
CA GLU A 162 -10.41 -25.62 13.44
C GLU A 162 -9.68 -24.44 14.07
N THR A 163 -10.06 -24.10 15.29
CA THR A 163 -9.49 -22.95 15.98
C THR A 163 -8.06 -23.26 16.47
N ASP A 164 -7.16 -22.30 16.26
CA ASP A 164 -5.78 -22.50 16.72
C ASP A 164 -5.72 -22.51 18.26
N THR B 6 31.40 -3.61 -12.93
CA THR B 6 30.66 -3.57 -11.67
C THR B 6 29.72 -4.77 -11.56
N ARG B 7 28.93 -4.87 -10.48
CA ARG B 7 27.95 -5.99 -10.46
C ARG B 7 26.57 -5.50 -10.84
N TYR B 8 25.79 -6.39 -11.46
CA TYR B 8 24.46 -6.08 -11.94
C TYR B 8 23.40 -6.98 -11.32
N ILE B 9 22.25 -6.36 -11.03
CA ILE B 9 21.05 -7.10 -10.56
C ILE B 9 19.90 -6.74 -11.46
N PRO B 10 18.75 -7.41 -11.39
CA PRO B 10 17.63 -7.09 -12.24
C PRO B 10 17.01 -5.72 -12.01
N ASP B 11 16.56 -5.07 -13.08
CA ASP B 11 15.85 -3.81 -13.04
C ASP B 11 14.73 -3.81 -12.01
N GLU B 12 14.03 -4.89 -11.83
CA GLU B 12 12.83 -5.04 -11.03
C GLU B 12 13.11 -5.66 -9.69
N ALA B 13 14.36 -5.68 -9.26
CA ALA B 13 14.71 -6.19 -7.95
C ALA B 13 14.27 -5.26 -6.84
N ASP B 14 14.16 -5.82 -5.62
CA ASP B 14 14.02 -5.05 -4.42
C ASP B 14 12.71 -4.37 -4.22
N PHE B 15 11.61 -4.83 -4.75
CA PHE B 15 10.28 -4.40 -4.57
C PHE B 15 9.51 -5.32 -3.57
N LEU B 16 8.63 -4.63 -2.86
CA LEU B 16 7.61 -5.31 -2.03
C LEU B 16 6.28 -4.62 -2.34
N LEU B 17 5.30 -5.40 -2.76
CA LEU B 17 3.95 -4.87 -3.03
C LEU B 17 2.98 -5.56 -2.05
N GLY B 18 2.43 -4.75 -1.16
CA GLY B 18 1.46 -5.24 -0.18
C GLY B 18 0.06 -4.92 -0.66
N MET B 19 -0.68 -5.90 -1.16
CA MET B 19 -2.06 -5.66 -1.60
C MET B 19 -3.01 -5.99 -0.43
N ALA B 20 -4.04 -5.15 -0.28
CA ALA B 20 -5.08 -5.40 0.70
C ALA B 20 -5.94 -6.61 0.37
N THR B 21 -6.00 -7.02 -0.86
CA THR B 21 -6.81 -8.14 -1.29
C THR B 21 -6.16 -8.85 -2.49
N VAL B 22 -6.43 -10.11 -2.59
CA VAL B 22 -6.27 -10.89 -3.79
C VAL B 22 -7.15 -10.31 -4.90
N ASN B 23 -6.81 -10.66 -6.13
CA ASN B 23 -7.53 -10.15 -7.31
C ASN B 23 -9.00 -10.57 -7.27
N ASN B 24 -9.83 -9.75 -7.93
CA ASN B 24 -11.23 -9.97 -8.17
C ASN B 24 -12.14 -9.59 -7.03
N CYS B 25 -11.61 -9.28 -5.87
CA CYS B 25 -12.37 -9.11 -4.65
C CYS B 25 -12.30 -7.73 -4.05
N VAL B 26 -13.28 -7.44 -3.19
CA VAL B 26 -13.33 -6.22 -2.43
C VAL B 26 -12.34 -6.25 -1.28
N SER B 27 -12.03 -5.07 -0.77
CA SER B 27 -11.44 -4.93 0.55
C SER B 27 -12.33 -3.97 1.36
N TYR B 28 -12.19 -4.03 2.67
CA TYR B 28 -13.10 -3.39 3.56
C TYR B 28 -12.57 -2.14 4.24
N ARG B 29 -13.50 -1.19 4.41
CA ARG B 29 -13.24 0.07 5.07
C ARG B 29 -14.35 0.35 6.10
N ASN B 30 -13.94 0.44 7.34
CA ASN B 30 -14.93 0.88 8.39
C ASN B 30 -14.83 2.42 8.44
N PRO B 31 -15.90 3.13 8.10
CA PRO B 31 -15.83 4.59 8.12
C PRO B 31 -15.41 5.22 9.43
N ALA B 32 -15.64 4.59 10.53
CA ALA B 32 -15.33 4.92 11.86
C ALA B 32 -14.01 4.49 12.43
N GLU B 33 -13.25 3.65 11.73
CA GLU B 33 -11.99 3.12 12.18
C GLU B 33 -10.88 3.11 11.13
N GLY B 34 -11.18 3.11 9.86
CA GLY B 34 -10.14 2.87 8.84
C GLY B 34 -10.36 1.52 8.17
N THR B 35 -9.39 1.16 7.31
CA THR B 35 -9.54 -0.13 6.60
C THR B 35 -8.98 -1.26 7.41
N TRP B 36 -9.52 -2.46 7.14
CA TRP B 36 -9.02 -3.66 7.82
C TRP B 36 -7.51 -3.80 7.58
N TYR B 37 -7.09 -3.67 6.31
CA TYR B 37 -5.70 -3.87 5.97
C TYR B 37 -4.78 -2.85 6.57
N ILE B 38 -5.03 -1.57 6.33
CA ILE B 38 -4.08 -0.54 6.81
C ILE B 38 -4.02 -0.50 8.29
N GLN B 39 -5.16 -0.60 8.98
CA GLN B 39 -5.13 -0.58 10.43
C GLN B 39 -4.35 -1.75 11.00
N SER B 40 -4.54 -2.95 10.43
CA SER B 40 -3.80 -4.12 10.87
C SER B 40 -2.32 -3.97 10.58
N LEU B 41 -2.01 -3.49 9.37
CA LEU B 41 -0.60 -3.25 9.00
C LEU B 41 0.08 -2.34 9.98
N CYS B 42 -0.55 -1.20 10.28
CA CYS B 42 0.09 -0.24 11.19
C CYS B 42 0.22 -0.77 12.60
N GLN B 43 -0.78 -1.49 13.10
CA GLN B 43 -0.64 -2.08 14.44
C GLN B 43 0.51 -3.08 14.48
N SER B 44 0.62 -3.93 13.48
CA SER B 44 1.68 -4.94 13.46
C SER B 44 3.05 -4.31 13.32
N LEU B 45 3.20 -3.31 12.45
CA LEU B 45 4.48 -2.61 12.34
C LEU B 45 4.89 -1.97 13.66
N ARG B 46 3.95 -1.25 14.29
CA ARG B 46 4.29 -0.57 15.53
C ARG B 46 4.66 -1.52 16.64
N GLU B 47 4.06 -2.68 16.71
CA GLU B 47 4.38 -3.68 17.72
C GLU B 47 5.68 -4.41 17.42
N ARG B 48 5.88 -4.81 16.14
CA ARG B 48 6.96 -5.73 15.82
C ARG B 48 8.21 -5.14 15.31
N CYS B 49 8.17 -3.99 14.65
CA CYS B 49 9.43 -3.37 14.26
C CYS B 49 10.36 -3.15 15.44
N PRO B 50 9.93 -2.76 16.61
CA PRO B 50 10.87 -2.63 17.75
C PRO B 50 11.51 -3.95 18.15
N ARG B 51 10.91 -5.05 17.83
CA ARG B 51 11.39 -6.39 18.13
C ARG B 51 12.37 -6.89 17.05
N GLY B 52 12.55 -6.14 15.98
CA GLY B 52 13.47 -6.49 14.91
C GLY B 52 12.89 -7.44 13.90
N ASP B 53 11.59 -7.68 13.93
CA ASP B 53 10.95 -8.59 12.98
C ASP B 53 11.00 -7.99 11.58
N ASP B 54 11.13 -8.86 10.59
CA ASP B 54 11.21 -8.38 9.21
C ASP B 54 9.84 -8.20 8.61
N ILE B 55 9.77 -7.51 7.49
CA ILE B 55 8.49 -7.15 6.91
C ILE B 55 7.68 -8.33 6.41
N LEU B 56 8.31 -9.37 5.91
CA LEU B 56 7.55 -10.54 5.45
C LEU B 56 6.91 -11.26 6.59
N THR B 57 7.59 -11.31 7.73
CA THR B 57 6.98 -11.88 8.94
C THR B 57 5.83 -11.03 9.41
N ILE B 58 5.99 -9.72 9.40
CA ILE B 58 4.92 -8.80 9.74
C ILE B 58 3.74 -8.96 8.82
N LEU B 59 3.97 -9.05 7.51
CA LEU B 59 2.90 -9.19 6.56
C LEU B 59 2.18 -10.51 6.65
N THR B 60 2.87 -11.55 7.10
CA THR B 60 2.24 -12.83 7.40
C THR B 60 1.24 -12.66 8.55
N GLU B 61 1.63 -11.93 9.58
CA GLU B 61 0.73 -11.63 10.69
C GLU B 61 -0.46 -10.81 10.22
N VAL B 62 -0.26 -9.84 9.34
CA VAL B 62 -1.40 -9.10 8.80
C VAL B 62 -2.34 -10.06 8.09
N ASN B 63 -1.80 -10.98 7.28
CA ASN B 63 -2.64 -12.01 6.66
C ASN B 63 -3.46 -12.75 7.69
N TYR B 64 -2.83 -13.18 8.74
CA TYR B 64 -3.54 -13.95 9.80
C TYR B 64 -4.64 -13.09 10.40
N GLU B 65 -4.33 -11.87 10.78
CA GLU B 65 -5.29 -11.02 11.49
C GLU B 65 -6.46 -10.66 10.61
N VAL B 66 -6.21 -10.20 9.39
CA VAL B 66 -7.27 -9.85 8.48
C VAL B 66 -8.13 -11.04 8.10
N SER B 67 -7.53 -12.23 8.02
CA SER B 67 -8.27 -13.45 7.75
C SER B 67 -9.28 -13.79 8.84
N ASN B 68 -9.12 -13.28 10.02
CA ASN B 68 -10.08 -13.58 11.11
C ASN B 68 -11.23 -12.61 11.14
N LYS B 69 -11.20 -11.51 10.43
CA LYS B 69 -12.28 -10.54 10.39
C LYS B 69 -13.39 -10.98 9.46
N ASP B 70 -14.61 -10.51 9.70
CA ASP B 70 -15.67 -10.83 8.77
C ASP B 70 -16.68 -9.72 8.60
N ASP B 71 -17.36 -9.78 7.50
CA ASP B 71 -18.49 -8.90 7.16
C ASP B 71 -19.76 -9.75 7.30
N LYS B 72 -20.44 -9.64 8.42
CA LYS B 72 -21.62 -10.47 8.68
C LYS B 72 -22.86 -9.96 7.98
N LYS B 73 -22.77 -8.92 7.18
CA LYS B 73 -23.89 -8.55 6.31
C LYS B 73 -23.92 -9.36 5.04
N ASN B 74 -22.77 -9.50 4.36
CA ASN B 74 -22.67 -10.20 3.11
C ASN B 74 -21.91 -11.54 3.26
N MET B 75 -21.61 -11.92 4.44
CA MET B 75 -20.82 -13.16 4.69
C MET B 75 -19.50 -13.08 3.91
N GLY B 76 -18.83 -11.95 4.04
CA GLY B 76 -17.59 -11.69 3.34
C GLY B 76 -16.37 -11.77 4.23
N LYS B 77 -15.27 -12.13 3.55
CA LYS B 77 -13.94 -12.22 4.17
C LYS B 77 -13.00 -11.34 3.31
N GLN B 78 -11.76 -11.22 3.76
CA GLN B 78 -10.76 -10.47 3.01
C GLN B 78 -9.38 -11.16 3.17
N MET B 79 -8.74 -11.37 2.03
CA MET B 79 -7.44 -12.04 2.02
C MET B 79 -6.37 -11.12 1.40
N PRO B 80 -5.55 -10.49 2.22
CA PRO B 80 -4.44 -9.69 1.69
C PRO B 80 -3.43 -10.58 1.00
N GLN B 81 -2.51 -9.92 0.27
CA GLN B 81 -1.55 -10.68 -0.53
C GLN B 81 -0.32 -9.87 -0.86
N PRO B 82 0.81 -10.20 -0.24
CA PRO B 82 2.07 -9.54 -0.66
C PRO B 82 2.70 -10.30 -1.86
N THR B 83 3.45 -9.53 -2.61
CA THR B 83 4.29 -10.02 -3.70
C THR B 83 5.65 -9.33 -3.59
N PHE B 84 6.75 -10.03 -3.89
CA PHE B 84 8.04 -9.39 -3.63
C PHE B 84 9.14 -9.90 -4.56
N THR B 85 10.08 -9.00 -4.81
CA THR B 85 11.34 -9.29 -5.47
C THR B 85 12.51 -8.91 -4.57
N LEU B 86 12.24 -8.77 -3.28
CA LEU B 86 13.25 -8.51 -2.27
C LEU B 86 14.32 -9.62 -2.30
N ARG B 87 15.56 -9.23 -2.14
CA ARG B 87 16.73 -10.10 -2.18
C ARG B 87 17.41 -10.20 -0.83
N LYS B 88 16.97 -9.44 0.15
CA LYS B 88 17.49 -9.47 1.51
C LYS B 88 16.31 -9.34 2.48
N LYS B 89 16.57 -9.60 3.74
CA LYS B 89 15.58 -9.30 4.80
C LYS B 89 15.38 -7.80 4.88
N LEU B 90 14.12 -7.39 5.07
CA LEU B 90 13.79 -5.99 5.19
C LEU B 90 13.30 -5.71 6.62
N VAL B 91 14.02 -4.93 7.35
CA VAL B 91 13.67 -4.49 8.69
C VAL B 91 13.62 -2.98 8.73
N PHE B 92 12.77 -2.40 9.54
CA PHE B 92 12.66 -0.99 9.82
C PHE B 92 13.01 -0.71 11.27
N PRO B 93 14.28 -0.54 11.57
CA PRO B 93 14.68 -0.39 12.99
C PRO B 93 14.07 0.86 13.58
N SER B 94 13.65 0.75 14.86
CA SER B 94 13.01 1.89 15.48
C SER B 94 14.00 2.90 16.03
N ASP B 95 15.28 2.54 15.98
CA ASP B 95 16.35 3.38 16.48
C ASP B 95 17.15 4.01 15.32
N ILE C 2 -19.97 -1.31 7.63
CA ILE C 2 -18.74 -1.48 6.85
C ILE C 2 -19.02 -1.22 5.39
N GLU C 3 -18.01 -0.66 4.70
CA GLU C 3 -18.11 -0.29 3.30
C GLU C 3 -17.00 -1.00 2.51
N THR C 4 -17.16 -1.08 1.22
CA THR C 4 -16.17 -1.69 0.37
C THR C 4 -15.40 -0.64 -0.41
#